data_7UEN
#
_entry.id   7UEN
#
_cell.length_a   101.492
_cell.length_b   101.492
_cell.length_c   78.159
_cell.angle_alpha   90.000
_cell.angle_beta   90.000
_cell.angle_gamma   120.000
#
_symmetry.space_group_name_H-M   'P 32 2 1'
#
loop_
_entity.id
_entity.type
_entity.pdbx_description
1 polymer 'M86 antibody Fab light chain'
2 polymer 'M86 antibody Fab heavy chain'
3 branched alpha-D-galactopyranose-(1-3)-beta-D-galactopyranose
4 non-polymer 'POTASSIUM ION'
5 non-polymer 'PHOSPHATE ION'
6 water water
#
loop_
_entity_poly.entity_id
_entity_poly.type
_entity_poly.pdbx_seq_one_letter_code
_entity_poly.pdbx_strand_id
1 'polypeptide(L)'
;DVVMTQTPLSLPVSLGDQASISCRSSQSLVHSDGNTYFHWYLQKPGQSPKLLIHRISNRFSGVPDRFSGSGSGTDFTLKI
SRVEAEDLGVYFCSQSTHIPWTFGGGTKLELKRTVAAPSVFIFPPSDEQLKSGTASVVCLLNNFYPREAKVQWKVDNALQ
SGNSQESVTEQDSKDSTYSLSSTLTLSKADYEKHKVYACEVTHQGLSSPVTKSFNRGEC
;
L
2 'polypeptide(L)'
;EVKLEESGGGLVQPGRSMKLSCVASGFIFSDYWMNWVRQSPEKGLEWIAQIRTNPYNYETYYSDSVKGRFTISRDDSKSS
VYLQMKNLRSEDMGIYYCTWSHYALDNWGQGTSVTVSSASTKGPSVFPLAPSSKSTSGGTAALGCLVKDYFPEPVTVSWN
SGALTSGVHTFPAVLQSSGLYSLSSVVTVPSSSLGTQTYICNVNHKPSNTKVDKKVEPKSCGSHHHHHH
;
H
#
# COMPACT_ATOMS: atom_id res chain seq x y z
N ASP A 1 23.68 2.52 10.25
CA ASP A 1 22.69 3.63 10.14
C ASP A 1 21.69 3.55 11.30
N VAL A 2 20.98 4.63 11.54
CA VAL A 2 20.08 4.70 12.72
C VAL A 2 18.76 4.02 12.37
N VAL A 3 18.44 2.98 13.11
CA VAL A 3 17.19 2.23 12.93
C VAL A 3 16.15 2.84 13.86
N MET A 4 15.02 3.19 13.28
CA MET A 4 13.87 3.72 14.00
C MET A 4 12.83 2.60 14.08
N THR A 5 12.46 2.27 15.33
N THR A 5 12.40 2.26 15.29
CA THR A 5 11.50 1.20 15.70
CA THR A 5 11.42 1.18 15.45
C THR A 5 10.21 1.86 16.20
C THR A 5 10.20 1.74 16.19
N GLN A 6 9.09 1.77 15.46
CA GLN A 6 7.82 2.33 15.98
C GLN A 6 6.83 1.19 16.13
N THR A 7 5.97 1.35 17.09
CA THR A 7 5.02 0.31 17.48
C THR A 7 3.70 1.01 17.78
N PRO A 8 2.54 0.41 17.48
CA PRO A 8 2.46 -0.83 16.70
C PRO A 8 2.45 -0.56 15.19
N LEU A 9 2.36 -1.59 14.36
CA LEU A 9 2.16 -1.39 12.90
C LEU A 9 0.76 -0.84 12.59
N SER A 10 -0.24 -1.27 13.38
CA SER A 10 -1.66 -0.88 13.23
C SER A 10 -2.22 -0.64 14.63
N LEU A 11 -2.83 0.51 14.83
CA LEU A 11 -3.31 0.97 16.15
C LEU A 11 -4.78 1.32 16.02
N PRO A 12 -5.69 0.46 16.49
CA PRO A 12 -7.11 0.80 16.54
C PRO A 12 -7.39 1.83 17.63
N VAL A 13 -8.23 2.80 17.30
CA VAL A 13 -8.69 3.82 18.28
C VAL A 13 -10.15 4.14 17.95
N SER A 14 -10.97 4.33 18.98
CA SER A 14 -12.36 4.80 18.83
C SER A 14 -12.33 6.31 18.64
N LEU A 15 -13.21 6.87 17.79
CA LEU A 15 -13.31 8.33 17.68
C LEU A 15 -13.55 8.92 19.07
N GLY A 16 -12.82 10.00 19.35
CA GLY A 16 -12.88 10.74 20.62
C GLY A 16 -12.01 10.15 21.71
N ASP A 17 -11.38 8.99 21.50
CA ASP A 17 -10.43 8.41 22.48
C ASP A 17 -9.03 8.95 22.19
N GLN A 18 -8.09 8.62 23.06
CA GLN A 18 -6.67 9.00 22.94
C GLN A 18 -5.89 7.84 22.30
N ALA A 19 -5.00 8.16 21.36
CA ALA A 19 -4.07 7.19 20.79
C ALA A 19 -2.65 7.56 21.20
N SER A 20 -1.80 6.54 21.36
N SER A 20 -1.82 6.54 21.45
CA SER A 20 -0.38 6.72 21.75
CA SER A 20 -0.37 6.71 21.72
C SER A 20 0.51 5.84 20.85
C SER A 20 0.44 5.85 20.76
N ILE A 21 1.44 6.48 20.15
CA ILE A 21 2.39 5.79 19.25
C ILE A 21 3.77 5.99 19.84
N SER A 22 4.59 4.93 19.86
CA SER A 22 5.94 4.90 20.45
C SER A 22 6.97 4.71 19.35
N CYS A 23 8.12 5.36 19.50
CA CYS A 23 9.25 5.16 18.59
C CYS A 23 10.54 5.16 19.38
N ARG A 24 11.46 4.28 19.02
CA ARG A 24 12.80 4.13 19.60
C ARG A 24 13.80 4.30 18.48
N SER A 25 14.91 4.94 18.77
N SER A 25 14.92 4.94 18.80
CA SER A 25 16.05 5.00 17.85
CA SER A 25 16.10 5.10 17.93
C SER A 25 17.18 4.12 18.39
C SER A 25 17.22 4.18 18.42
N SER A 26 18.02 3.66 17.49
CA SER A 26 19.18 2.81 17.83
C SER A 26 20.38 3.65 18.28
N GLN A 27 20.29 4.97 18.18
CA GLN A 27 21.38 5.92 18.54
C GLN A 27 20.69 7.15 19.09
N SER A 28 21.33 7.79 20.06
CA SER A 28 20.87 9.10 20.56
C SER A 28 20.64 10.05 19.40
N LEU A 29 19.57 10.81 19.45
CA LEU A 29 19.23 11.80 18.40
C LEU A 29 19.56 13.22 18.86
N VAL A 30 20.30 13.40 19.94
CA VAL A 30 20.75 14.77 20.28
C VAL A 30 21.90 15.15 19.33
N HIS A 31 21.70 16.21 18.57
CA HIS A 31 22.66 16.71 17.58
C HIS A 31 23.75 17.54 18.27
N SER A 32 24.86 17.77 17.59
N SER A 32 24.87 17.74 17.57
CA SER A 32 25.93 18.67 18.11
CA SER A 32 25.94 18.67 17.98
C SER A 32 25.41 20.11 18.34
C SER A 32 25.35 20.04 18.39
N ASP A 33 24.32 20.52 17.69
CA ASP A 33 23.75 21.87 17.93
C ASP A 33 22.85 21.88 19.18
N GLY A 34 22.66 20.73 19.83
CA GLY A 34 21.93 20.53 21.08
C GLY A 34 20.44 20.27 20.85
N ASN A 35 19.97 20.31 19.60
CA ASN A 35 18.57 19.99 19.25
C ASN A 35 18.41 18.49 19.02
N THR A 36 17.20 17.97 19.19
CA THR A 36 16.89 16.56 18.94
C THR A 36 16.00 16.49 17.70
N TYR A 37 16.55 16.07 16.56
CA TYR A 37 15.83 16.12 15.26
C TYR A 37 15.06 14.83 15.09
N PHE A 38 14.02 14.72 15.90
CA PHE A 38 13.08 13.60 15.87
C PHE A 38 11.73 14.19 15.48
N HIS A 39 11.09 13.61 14.48
CA HIS A 39 9.89 14.20 13.86
C HIS A 39 8.84 13.15 13.58
N TRP A 40 7.61 13.62 13.46
CA TRP A 40 6.45 12.80 13.08
C TRP A 40 5.83 13.32 11.79
N TYR A 41 5.43 12.39 10.95
CA TYR A 41 4.70 12.64 9.69
C TYR A 41 3.38 11.87 9.73
N LEU A 42 2.38 12.43 9.09
CA LEU A 42 1.10 11.76 8.81
C LEU A 42 0.89 11.65 7.30
N GLN A 43 0.55 10.43 6.87
CA GLN A 43 0.18 10.16 5.46
C GLN A 43 -1.26 9.65 5.41
N LYS A 44 -2.16 10.50 4.96
CA LYS A 44 -3.61 10.16 4.88
C LYS A 44 -3.74 9.31 3.62
N PRO A 45 -4.82 8.51 3.52
CA PRO A 45 -4.99 7.62 2.38
C PRO A 45 -5.02 8.40 1.07
N GLY A 46 -4.15 7.98 0.15
CA GLY A 46 -4.01 8.51 -1.21
C GLY A 46 -3.21 9.79 -1.29
N GLN A 47 -2.63 10.23 -0.19
CA GLN A 47 -1.90 11.51 -0.16
C GLN A 47 -0.41 11.22 0.11
N SER A 48 0.39 12.25 -0.09
N SER A 48 0.42 12.23 -0.10
CA SER A 48 1.82 12.31 0.32
CA SER A 48 1.84 12.21 0.30
C SER A 48 1.88 12.42 1.84
C SER A 48 1.92 12.50 1.80
N PRO A 49 3.02 12.09 2.46
CA PRO A 49 3.22 12.44 3.85
C PRO A 49 3.20 13.96 4.01
N LYS A 50 2.77 14.34 5.21
CA LYS A 50 2.81 15.74 5.68
C LYS A 50 3.53 15.78 7.04
N LEU A 51 4.38 16.78 7.22
CA LEU A 51 5.01 17.03 8.53
C LEU A 51 3.93 17.39 9.57
N LEU A 52 3.96 16.67 10.69
CA LEU A 52 3.02 16.89 11.80
C LEU A 52 3.73 17.60 12.95
N ILE A 53 4.83 17.02 13.43
CA ILE A 53 5.58 17.51 14.61
C ILE A 53 7.06 17.44 14.27
N HIS A 54 7.78 18.51 14.60
CA HIS A 54 9.24 18.50 14.45
C HIS A 54 9.92 18.76 15.78
N ARG A 55 11.16 18.29 15.87
CA ARG A 55 11.99 18.42 17.11
C ARG A 55 11.16 18.01 18.35
N ILE A 56 10.63 16.79 18.29
CA ILE A 56 9.95 16.07 19.40
C ILE A 56 8.55 16.62 19.61
N SER A 57 8.36 17.93 19.76
CA SER A 57 7.16 18.48 20.41
C SER A 57 6.59 19.68 19.67
N ASN A 58 7.20 20.14 18.59
CA ASN A 58 6.73 21.38 17.94
C ASN A 58 5.73 21.08 16.84
N ARG A 59 4.48 21.50 17.02
CA ARG A 59 3.45 21.28 15.98
C ARG A 59 3.75 22.13 14.75
N PHE A 60 3.68 21.52 13.59
CA PHE A 60 3.84 22.23 12.31
C PHE A 60 2.60 23.08 12.06
N SER A 61 2.75 24.05 11.16
CA SER A 61 1.67 24.95 10.74
C SER A 61 0.40 24.12 10.48
N GLY A 62 -0.71 24.53 11.10
CA GLY A 62 -2.05 23.98 10.83
C GLY A 62 -2.34 22.73 11.63
N VAL A 63 -1.39 22.22 12.40
CA VAL A 63 -1.59 20.97 13.20
C VAL A 63 -2.26 21.35 14.51
N PRO A 64 -3.44 20.77 14.85
CA PRO A 64 -4.15 21.18 16.05
C PRO A 64 -3.53 20.68 17.35
N ASP A 65 -3.92 21.28 18.48
CA ASP A 65 -3.21 21.07 19.76
C ASP A 65 -3.58 19.71 20.35
N ARG A 66 -4.48 18.94 19.71
CA ARG A 66 -4.79 17.53 20.08
C ARG A 66 -3.55 16.64 19.88
N PHE A 67 -2.61 17.07 19.05
CA PHE A 67 -1.35 16.32 18.81
C PHE A 67 -0.27 16.80 19.77
N SER A 68 0.31 15.87 20.49
CA SER A 68 1.32 16.17 21.53
C SER A 68 2.49 15.19 21.42
N GLY A 69 3.66 15.70 21.18
CA GLY A 69 4.88 14.87 21.13
C GLY A 69 5.72 15.03 22.38
N SER A 70 6.32 13.95 22.80
CA SER A 70 7.20 13.94 23.98
C SER A 70 8.35 12.94 23.79
N GLY A 71 9.31 13.00 24.69
CA GLY A 71 10.42 12.02 24.70
C GLY A 71 11.75 12.74 24.70
N SER A 72 12.82 11.97 24.72
CA SER A 72 14.20 12.49 24.70
C SER A 72 15.11 11.32 24.36
N GLY A 73 16.25 11.66 23.76
CA GLY A 73 17.40 10.76 23.57
C GLY A 73 17.12 9.75 22.49
N THR A 74 16.53 8.62 22.88
CA THR A 74 16.23 7.48 22.01
C THR A 74 14.76 7.01 22.14
N ASP A 75 13.92 7.65 22.94
CA ASP A 75 12.58 7.09 23.27
C ASP A 75 11.56 8.22 23.17
N PHE A 76 10.56 8.07 22.31
CA PHE A 76 9.62 9.16 21.96
C PHE A 76 8.21 8.62 21.88
N THR A 77 7.26 9.51 22.10
CA THR A 77 5.85 9.18 22.06
C THR A 77 5.07 10.31 21.39
N LEU A 78 4.12 9.92 20.55
CA LEU A 78 3.06 10.82 20.05
C LEU A 78 1.76 10.47 20.73
N LYS A 79 1.08 11.48 21.32
CA LYS A 79 -0.25 11.31 21.93
C LYS A 79 -1.22 12.14 21.12
N ILE A 80 -2.26 11.49 20.63
CA ILE A 80 -3.36 12.14 19.88
C ILE A 80 -4.60 12.06 20.77
N SER A 81 -5.01 13.20 21.30
CA SER A 81 -6.26 13.33 22.09
C SER A 81 -7.47 13.42 21.15
N ARG A 82 -8.62 12.94 21.62
CA ARG A 82 -9.93 13.24 21.00
C ARG A 82 -9.80 12.95 19.51
N VAL A 83 -9.38 11.72 19.16
CA VAL A 83 -9.16 11.35 17.74
C VAL A 83 -10.43 11.65 16.90
N GLU A 84 -10.20 12.26 15.74
CA GLU A 84 -11.22 12.59 14.73
C GLU A 84 -10.90 11.81 13.47
N ALA A 85 -11.86 11.71 12.57
CA ALA A 85 -11.73 10.86 11.35
C ALA A 85 -10.58 11.42 10.49
N GLU A 86 -10.37 12.74 10.50
CA GLU A 86 -9.30 13.45 9.74
C GLU A 86 -7.93 13.00 10.25
N ASP A 87 -7.82 12.38 11.42
CA ASP A 87 -6.50 11.99 12.00
C ASP A 87 -6.11 10.60 11.51
N LEU A 88 -7.02 9.86 10.85
CA LEU A 88 -6.71 8.47 10.48
C LEU A 88 -5.77 8.48 9.29
N GLY A 89 -4.79 7.62 9.36
CA GLY A 89 -3.74 7.54 8.36
C GLY A 89 -2.55 6.84 8.92
N VAL A 90 -1.45 6.87 8.21
CA VAL A 90 -0.23 6.20 8.69
C VAL A 90 0.71 7.28 9.23
N TYR A 91 1.11 7.11 10.47
CA TYR A 91 2.06 8.03 11.14
C TYR A 91 3.45 7.42 11.02
N PHE A 92 4.42 8.24 10.68
CA PHE A 92 5.83 7.79 10.60
C PHE A 92 6.66 8.61 11.56
N CYS A 93 7.49 7.96 12.38
CA CYS A 93 8.57 8.65 13.09
C CYS A 93 9.73 8.79 12.12
N SER A 94 10.61 9.74 12.41
N SER A 94 10.60 9.74 12.40
CA SER A 94 11.79 9.99 11.58
CA SER A 94 11.84 9.93 11.62
C SER A 94 12.90 10.66 12.39
C SER A 94 12.92 10.52 12.51
N GLN A 95 14.16 10.39 12.05
CA GLN A 95 15.29 11.14 12.65
C GLN A 95 16.06 11.79 11.51
N SER A 96 16.50 13.01 11.76
CA SER A 96 17.40 13.71 10.83
C SER A 96 18.58 14.30 11.59
N THR A 97 18.89 13.73 12.75
CA THR A 97 20.14 14.10 13.47
C THR A 97 21.33 13.56 12.69
N HIS A 98 21.21 12.35 12.14
CA HIS A 98 22.31 11.59 11.53
C HIS A 98 21.98 11.30 10.06
N ILE A 99 22.92 11.54 9.17
CA ILE A 99 22.83 11.11 7.76
C ILE A 99 23.30 9.67 7.72
N PRO A 100 22.57 8.74 7.06
CA PRO A 100 21.31 8.99 6.36
C PRO A 100 20.10 9.22 7.26
N TRP A 101 19.26 10.15 6.87
CA TRP A 101 17.96 10.35 7.51
C TRP A 101 17.13 9.09 7.35
N THR A 102 16.42 8.71 8.42
CA THR A 102 15.69 7.44 8.45
C THR A 102 14.31 7.60 9.05
N PHE A 103 13.51 6.57 8.79
CA PHE A 103 12.07 6.55 9.12
C PHE A 103 11.77 5.26 9.86
N GLY A 104 10.79 5.34 10.73
CA GLY A 104 10.13 4.15 11.23
C GLY A 104 9.29 3.49 10.14
N GLY A 105 8.78 2.31 10.46
CA GLY A 105 7.98 1.49 9.53
C GLY A 105 6.55 1.96 9.38
N GLY A 106 6.13 2.90 10.21
CA GLY A 106 4.78 3.43 10.18
C GLY A 106 3.85 2.76 11.18
N THR A 107 2.86 3.51 11.61
CA THR A 107 1.75 3.06 12.46
C THR A 107 0.47 3.47 11.75
N LYS A 108 -0.34 2.51 11.30
CA LYS A 108 -1.66 2.84 10.75
C LYS A 108 -2.59 3.11 11.91
N LEU A 109 -3.08 4.34 12.01
CA LEU A 109 -4.15 4.67 12.96
C LEU A 109 -5.47 4.30 12.29
N GLU A 110 -6.14 3.30 12.83
CA GLU A 110 -7.33 2.64 12.25
C GLU A 110 -8.51 2.97 13.16
N LEU A 111 -9.68 3.13 12.58
N LEU A 111 -9.69 3.17 12.58
CA LEU A 111 -10.93 3.33 13.35
CA LEU A 111 -10.92 3.35 13.38
C LEU A 111 -11.33 2.00 14.01
C LEU A 111 -11.29 1.99 14.01
N LYS A 112 -11.34 1.95 15.33
CA LYS A 112 -11.86 0.82 16.12
C LYS A 112 -13.39 0.93 16.14
N ARG A 113 -14.01 -0.11 15.68
CA ARG A 113 -15.46 -0.15 15.57
C ARG A 113 -15.91 -1.50 16.11
N THR A 114 -17.19 -1.66 16.23
N THR A 114 -17.22 -1.66 16.15
CA THR A 114 -17.78 -2.91 16.72
CA THR A 114 -17.90 -2.90 16.56
C THR A 114 -17.41 -4.03 15.74
C THR A 114 -17.41 -4.07 15.70
N VAL A 115 -17.40 -5.24 16.26
N VAL A 115 -17.36 -5.25 16.29
CA VAL A 115 -17.00 -6.42 15.47
CA VAL A 115 -17.12 -6.50 15.53
C VAL A 115 -18.05 -6.66 14.40
C VAL A 115 -18.07 -6.52 14.35
N ALA A 116 -17.58 -6.95 13.19
CA ALA A 116 -18.40 -7.29 12.02
C ALA A 116 -17.91 -8.58 11.43
N ALA A 117 -18.78 -9.57 11.39
CA ALA A 117 -18.48 -10.87 10.80
C ALA A 117 -18.46 -10.73 9.28
N PRO A 118 -17.55 -11.42 8.59
CA PRO A 118 -17.57 -11.38 7.13
C PRO A 118 -18.76 -12.19 6.58
N SER A 119 -19.22 -11.76 5.40
CA SER A 119 -20.05 -12.56 4.49
C SER A 119 -19.10 -13.26 3.54
N VAL A 120 -19.20 -14.58 3.41
CA VAL A 120 -18.16 -15.41 2.75
C VAL A 120 -18.74 -16.07 1.49
N PHE A 121 -17.94 -16.12 0.43
CA PHE A 121 -18.31 -16.71 -0.86
C PHE A 121 -17.13 -17.47 -1.41
N ILE A 122 -17.41 -18.54 -2.15
CA ILE A 122 -16.38 -19.31 -2.90
C ILE A 122 -16.81 -19.36 -4.36
N PHE A 123 -15.83 -19.28 -5.24
CA PHE A 123 -16.01 -19.28 -6.69
C PHE A 123 -15.10 -20.33 -7.30
N PRO A 124 -15.68 -21.27 -8.08
CA PRO A 124 -14.87 -22.23 -8.80
C PRO A 124 -14.18 -21.53 -9.96
N PRO A 125 -13.14 -22.17 -10.51
CA PRO A 125 -12.55 -21.70 -11.75
C PRO A 125 -13.60 -21.84 -12.87
N SER A 126 -13.54 -20.89 -13.79
CA SER A 126 -14.38 -20.84 -15.02
C SER A 126 -13.91 -21.93 -15.98
N ASP A 127 -14.86 -22.52 -16.72
CA ASP A 127 -14.58 -23.45 -17.84
C ASP A 127 -13.58 -22.76 -18.77
N GLU A 128 -13.72 -21.44 -19.02
CA GLU A 128 -12.81 -20.69 -19.93
C GLU A 128 -11.35 -20.78 -19.43
N GLN A 129 -11.10 -20.57 -18.13
CA GLN A 129 -9.73 -20.56 -17.55
C GLN A 129 -9.07 -21.95 -17.65
N LEU A 130 -9.85 -23.00 -17.37
CA LEU A 130 -9.36 -24.40 -17.38
C LEU A 130 -8.88 -24.78 -18.79
N LYS A 131 -9.49 -24.20 -19.85
CA LYS A 131 -9.05 -24.39 -21.27
C LYS A 131 -7.65 -23.80 -21.45
N SER A 132 -7.23 -22.85 -20.60
CA SER A 132 -5.89 -22.19 -20.56
C SER A 132 -4.87 -23.01 -19.73
N GLY A 133 -5.29 -24.03 -18.96
CA GLY A 133 -4.40 -24.95 -18.22
C GLY A 133 -4.15 -24.58 -16.75
N THR A 134 -4.84 -23.55 -16.25
N THR A 134 -4.82 -23.55 -16.24
CA THR A 134 -4.72 -23.07 -14.85
CA THR A 134 -4.68 -23.11 -14.82
C THR A 134 -6.10 -23.09 -14.19
C THR A 134 -6.08 -23.03 -14.18
N ALA A 135 -6.14 -23.19 -12.86
CA ALA A 135 -7.38 -23.09 -12.07
C ALA A 135 -7.15 -22.10 -10.94
N SER A 136 -7.93 -21.03 -10.94
CA SER A 136 -7.96 -20.04 -9.84
C SER A 136 -9.24 -20.27 -9.07
N VAL A 137 -9.12 -20.56 -7.78
CA VAL A 137 -10.26 -20.72 -6.87
C VAL A 137 -10.24 -19.51 -5.94
N VAL A 138 -11.38 -18.82 -5.83
CA VAL A 138 -11.42 -17.54 -5.07
C VAL A 138 -12.37 -17.69 -3.90
N CYS A 139 -11.89 -17.29 -2.71
N CYS A 139 -11.87 -17.32 -2.73
CA CYS A 139 -12.68 -17.18 -1.46
CA CYS A 139 -12.67 -17.14 -1.51
C CYS A 139 -12.73 -15.70 -1.08
C CYS A 139 -12.75 -15.65 -1.23
N LEU A 140 -13.95 -15.17 -0.93
CA LEU A 140 -14.20 -13.75 -0.72
C LEU A 140 -14.79 -13.57 0.66
N LEU A 141 -14.21 -12.66 1.44
CA LEU A 141 -14.72 -12.22 2.74
C LEU A 141 -15.12 -10.75 2.60
N ASN A 142 -16.38 -10.43 2.79
CA ASN A 142 -16.91 -9.07 2.62
C ASN A 142 -17.24 -8.44 3.97
N ASN A 143 -16.68 -7.26 4.18
CA ASN A 143 -17.16 -6.26 5.15
C ASN A 143 -17.04 -6.80 6.57
N PHE A 144 -15.80 -6.97 7.01
CA PHE A 144 -15.49 -7.50 8.35
C PHE A 144 -14.62 -6.55 9.14
N TYR A 145 -14.64 -6.73 10.46
CA TYR A 145 -13.80 -5.94 11.39
C TYR A 145 -13.69 -6.76 12.65
N PRO A 146 -12.50 -6.95 13.28
CA PRO A 146 -11.22 -6.41 12.82
C PRO A 146 -10.61 -7.13 11.61
N ARG A 147 -9.45 -6.65 11.16
CA ARG A 147 -8.80 -7.10 9.90
C ARG A 147 -8.39 -8.57 9.99
N GLU A 148 -8.13 -9.08 11.19
CA GLU A 148 -7.58 -10.44 11.36
C GLU A 148 -8.68 -11.43 11.00
N ALA A 149 -8.39 -12.35 10.11
CA ALA A 149 -9.29 -13.43 9.73
C ALA A 149 -8.39 -14.59 9.36
N LYS A 150 -8.80 -15.79 9.71
CA LYS A 150 -8.08 -17.03 9.32
C LYS A 150 -8.87 -17.63 8.16
N VAL A 151 -8.22 -17.77 7.01
CA VAL A 151 -8.78 -18.44 5.82
C VAL A 151 -7.99 -19.73 5.58
N GLN A 152 -8.68 -20.84 5.73
CA GLN A 152 -8.08 -22.19 5.56
C GLN A 152 -8.72 -22.83 4.32
N TRP A 153 -7.90 -23.18 3.35
CA TRP A 153 -8.34 -23.94 2.16
C TRP A 153 -8.31 -25.44 2.50
N LYS A 154 -9.32 -26.15 2.05
CA LYS A 154 -9.50 -27.58 2.27
C LYS A 154 -9.77 -28.21 0.88
N VAL A 155 -9.06 -29.27 0.57
N VAL A 155 -9.04 -29.27 0.54
CA VAL A 155 -9.34 -30.04 -0.66
CA VAL A 155 -9.16 -29.99 -0.78
C VAL A 155 -9.70 -31.45 -0.20
C VAL A 155 -9.27 -31.48 -0.50
N ASP A 156 -10.90 -31.91 -0.57
N ASP A 156 -10.44 -32.08 -0.71
CA ASP A 156 -11.50 -33.16 -0.04
CA ASP A 156 -10.73 -33.45 -0.23
C ASP A 156 -11.53 -33.08 1.51
C ASP A 156 -10.04 -33.61 1.13
N ASN A 157 -11.09 -34.11 2.22
N ASN A 157 -10.19 -32.59 1.97
CA ASN A 157 -11.16 -34.13 3.71
CA ASN A 157 -9.87 -32.58 3.42
C ASN A 157 -9.90 -33.54 4.38
C ASN A 157 -8.37 -32.33 3.63
N ALA A 158 -9.07 -32.74 3.68
N ALA A 158 -7.58 -32.18 2.57
CA ALA A 158 -7.72 -32.29 4.13
CA ALA A 158 -6.14 -31.83 2.67
C ALA A 158 -7.42 -30.81 3.78
C ALA A 158 -6.01 -30.33 2.92
N LEU A 159 -6.19 -30.31 4.06
N LEU A 159 -5.62 -29.95 4.15
CA LEU A 159 -5.79 -28.86 4.07
CA LEU A 159 -5.25 -28.57 4.52
C LEU A 159 -4.69 -28.52 3.02
C LEU A 159 -4.23 -28.10 3.47
N GLN A 160 -4.67 -27.26 2.55
CA GLN A 160 -3.71 -26.63 1.59
C GLN A 160 -2.73 -25.68 2.30
N SER A 161 -1.52 -25.54 1.75
CA SER A 161 -0.40 -24.70 2.27
C SER A 161 0.40 -24.10 1.08
N GLY A 162 0.67 -22.80 1.12
CA GLY A 162 1.70 -22.13 0.29
C GLY A 162 1.30 -21.92 -1.18
N ASN A 163 0.05 -22.18 -1.57
CA ASN A 163 -0.43 -22.02 -2.98
C ASN A 163 -1.59 -20.99 -3.04
N SER A 164 -1.72 -20.16 -2.00
CA SER A 164 -2.79 -19.12 -1.98
C SER A 164 -2.17 -17.76 -1.71
N GLN A 165 -2.87 -16.74 -2.16
CA GLN A 165 -2.47 -15.31 -2.03
C GLN A 165 -3.69 -14.54 -1.49
N GLU A 166 -3.49 -13.78 -0.42
CA GLU A 166 -4.53 -12.87 0.10
C GLU A 166 -4.29 -11.45 -0.40
N SER A 167 -5.40 -10.74 -0.63
CA SER A 167 -5.44 -9.31 -0.94
C SER A 167 -6.53 -8.67 -0.08
N VAL A 168 -6.20 -7.54 0.55
CA VAL A 168 -7.12 -6.89 1.49
C VAL A 168 -7.33 -5.45 1.07
N THR A 169 -8.57 -5.00 1.10
CA THR A 169 -8.92 -3.60 0.84
C THR A 169 -8.45 -2.71 2.02
N GLU A 170 -8.39 -1.40 1.75
CA GLU A 170 -8.20 -0.37 2.79
C GLU A 170 -9.48 -0.36 3.64
N GLN A 171 -9.35 0.09 4.86
CA GLN A 171 -10.53 0.26 5.72
C GLN A 171 -11.52 1.20 5.01
N ASP A 172 -12.75 0.76 4.89
CA ASP A 172 -13.77 1.46 4.08
C ASP A 172 -14.07 2.83 4.74
N SER A 173 -14.17 3.91 3.97
CA SER A 173 -14.38 5.30 4.52
C SER A 173 -15.79 5.48 5.11
N LYS A 174 -16.76 4.63 4.74
CA LYS A 174 -18.17 4.76 5.18
C LYS A 174 -18.52 3.75 6.28
N ASP A 175 -18.07 2.52 6.17
CA ASP A 175 -18.48 1.50 7.16
C ASP A 175 -17.29 0.97 7.96
N SER A 176 -16.05 1.41 7.68
CA SER A 176 -14.87 1.15 8.51
C SER A 176 -14.57 -0.37 8.56
N THR A 177 -14.99 -1.12 7.54
CA THR A 177 -14.73 -2.55 7.45
C THR A 177 -13.64 -2.81 6.40
N TYR A 178 -13.15 -4.03 6.42
CA TYR A 178 -12.22 -4.61 5.43
C TYR A 178 -12.95 -5.64 4.59
N SER A 179 -12.42 -5.89 3.40
CA SER A 179 -12.80 -7.05 2.58
C SER A 179 -11.51 -7.73 2.12
N LEU A 180 -11.58 -9.01 1.85
CA LEU A 180 -10.38 -9.82 1.59
C LEU A 180 -10.71 -10.83 0.50
N SER A 181 -9.77 -11.05 -0.41
CA SER A 181 -9.84 -12.18 -1.36
C SER A 181 -8.70 -13.14 -0.98
N SER A 182 -8.96 -14.43 -1.07
CA SER A 182 -7.94 -15.47 -0.97
C SER A 182 -8.02 -16.29 -2.25
N THR A 183 -6.93 -16.33 -3.01
CA THR A 183 -6.95 -16.97 -4.34
C THR A 183 -6.00 -18.16 -4.26
N LEU A 184 -6.55 -19.33 -4.52
CA LEU A 184 -5.79 -20.60 -4.63
C LEU A 184 -5.54 -20.83 -6.12
N THR A 185 -4.29 -20.91 -6.53
CA THR A 185 -3.90 -21.04 -7.95
C THR A 185 -3.26 -22.41 -8.13
N LEU A 186 -3.82 -23.25 -9.01
CA LEU A 186 -3.42 -24.64 -9.21
C LEU A 186 -3.27 -24.86 -10.71
N SER A 187 -2.40 -25.78 -11.13
CA SER A 187 -2.45 -26.29 -12.52
C SER A 187 -3.79 -27.01 -12.68
N LYS A 188 -4.30 -27.09 -13.91
CA LYS A 188 -5.53 -27.86 -14.20
C LYS A 188 -5.32 -29.28 -13.68
N ALA A 189 -4.14 -29.86 -13.91
CA ALA A 189 -3.77 -31.22 -13.46
C ALA A 189 -4.00 -31.35 -11.95
N ASP A 190 -3.46 -30.42 -11.14
CA ASP A 190 -3.56 -30.45 -9.66
C ASP A 190 -5.00 -30.20 -9.23
N TYR A 191 -5.72 -29.31 -9.92
CA TYR A 191 -7.14 -28.99 -9.65
C TYR A 191 -7.99 -30.26 -9.85
N GLU A 192 -7.71 -31.05 -10.90
CA GLU A 192 -8.55 -32.23 -11.23
C GLU A 192 -8.18 -33.44 -10.35
N LYS A 193 -7.23 -33.28 -9.42
CA LYS A 193 -6.84 -34.36 -8.48
C LYS A 193 -7.87 -34.45 -7.34
N HIS A 194 -8.70 -33.42 -7.16
CA HIS A 194 -9.62 -33.39 -6.00
C HIS A 194 -11.05 -33.06 -6.41
N LYS A 195 -12.02 -33.47 -5.60
CA LYS A 195 -13.46 -33.34 -5.89
C LYS A 195 -14.06 -32.17 -5.13
N VAL A 196 -13.64 -31.93 -3.89
CA VAL A 196 -14.34 -30.94 -3.04
C VAL A 196 -13.33 -29.85 -2.65
N TYR A 197 -13.73 -28.63 -2.92
CA TYR A 197 -12.95 -27.43 -2.61
C TYR A 197 -13.73 -26.64 -1.58
N ALA A 198 -13.03 -26.20 -0.55
CA ALA A 198 -13.70 -25.45 0.53
C ALA A 198 -12.75 -24.40 1.06
N CYS A 199 -13.31 -23.26 1.42
N CYS A 199 -13.39 -23.35 1.51
CA CYS A 199 -12.57 -22.28 2.27
CA CYS A 199 -12.79 -22.21 2.21
C CYS A 199 -13.33 -22.10 3.57
C CYS A 199 -13.41 -22.19 3.60
N GLU A 200 -12.59 -22.25 4.66
CA GLU A 200 -13.13 -22.11 6.04
C GLU A 200 -12.60 -20.82 6.65
N VAL A 201 -13.52 -19.99 7.12
CA VAL A 201 -13.15 -18.69 7.66
C VAL A 201 -13.43 -18.71 9.15
N THR A 202 -12.44 -18.26 9.91
CA THR A 202 -12.54 -18.03 11.36
C THR A 202 -12.35 -16.54 11.61
N HIS A 203 -13.25 -15.96 12.38
CA HIS A 203 -13.22 -14.51 12.64
C HIS A 203 -13.90 -14.24 13.98
N GLN A 204 -13.44 -13.22 14.65
CA GLN A 204 -14.02 -12.78 15.94
C GLN A 204 -15.56 -12.70 15.89
N GLY A 205 -16.13 -12.23 14.78
CA GLY A 205 -17.59 -12.01 14.70
C GLY A 205 -18.40 -13.28 14.43
N LEU A 206 -17.74 -14.39 14.12
CA LEU A 206 -18.42 -15.66 13.84
C LEU A 206 -18.32 -16.56 15.10
N SER A 207 -19.46 -17.04 15.60
N SER A 207 -19.46 -17.05 15.60
CA SER A 207 -19.46 -17.87 16.85
CA SER A 207 -19.48 -17.89 16.82
C SER A 207 -18.74 -19.19 16.55
C SER A 207 -18.74 -19.19 16.55
N SER A 208 -18.79 -19.65 15.31
CA SER A 208 -18.03 -20.81 14.81
C SER A 208 -17.65 -20.51 13.38
N PRO A 209 -16.64 -21.20 12.86
CA PRO A 209 -16.17 -20.92 11.51
C PRO A 209 -17.24 -21.21 10.46
N VAL A 210 -17.18 -20.43 9.39
CA VAL A 210 -18.06 -20.55 8.22
C VAL A 210 -17.27 -21.25 7.10
N THR A 211 -17.84 -22.29 6.53
CA THR A 211 -17.23 -23.01 5.42
C THR A 211 -18.10 -22.86 4.19
N LYS A 212 -17.47 -22.46 3.08
CA LYS A 212 -18.14 -22.46 1.77
C LYS A 212 -17.38 -23.45 0.90
N SER A 213 -18.12 -24.30 0.20
CA SER A 213 -17.52 -25.37 -0.62
C SER A 213 -18.24 -25.50 -1.95
N PHE A 214 -17.56 -26.16 -2.87
CA PHE A 214 -18.18 -26.65 -4.12
C PHE A 214 -17.56 -28.00 -4.45
N ASN A 215 -18.31 -28.79 -5.23
CA ASN A 215 -17.86 -30.06 -5.86
C ASN A 215 -17.38 -29.70 -7.26
N ARG A 216 -16.13 -30.01 -7.60
CA ARG A 216 -15.58 -29.72 -8.95
C ARG A 216 -16.52 -30.32 -10.00
N GLY A 217 -16.89 -29.49 -10.98
CA GLY A 217 -17.78 -29.88 -12.10
C GLY A 217 -19.28 -29.84 -11.80
N GLU A 218 -19.74 -29.43 -10.60
CA GLU A 218 -21.17 -29.17 -10.31
C GLU A 218 -21.54 -27.79 -10.86
N GLU B 1 1.94 29.68 -0.64
CA GLU B 1 1.78 28.21 -0.44
C GLU B 1 3.01 27.53 -1.03
N VAL B 2 3.56 26.51 -0.34
CA VAL B 2 4.69 25.69 -0.91
C VAL B 2 4.11 24.67 -1.88
N LYS B 3 4.70 24.61 -3.07
CA LYS B 3 4.27 23.79 -4.21
C LYS B 3 5.52 22.99 -4.67
N LEU B 4 5.43 21.67 -4.71
CA LEU B 4 6.48 20.79 -5.28
C LEU B 4 5.83 19.89 -6.29
N GLU B 5 6.38 19.85 -7.49
CA GLU B 5 5.81 19.01 -8.57
C GLU B 5 6.91 18.15 -9.18
N GLU B 6 6.82 16.85 -9.00
CA GLU B 6 7.73 15.87 -9.59
C GLU B 6 7.19 15.42 -10.95
N SER B 7 8.13 15.04 -11.81
CA SER B 7 7.81 14.38 -13.10
C SER B 7 8.97 13.49 -13.52
N GLY B 8 8.70 12.69 -14.55
CA GLY B 8 9.75 11.89 -15.19
C GLY B 8 9.64 10.41 -14.88
N GLY B 9 8.71 10.04 -14.01
CA GLY B 9 8.53 8.64 -13.61
C GLY B 9 7.97 7.86 -14.78
N GLY B 10 7.99 6.56 -14.67
CA GLY B 10 7.41 5.70 -15.67
C GLY B 10 7.96 4.31 -15.50
N LEU B 11 7.90 3.58 -16.59
CA LEU B 11 8.28 2.14 -16.61
C LEU B 11 9.63 2.04 -17.31
N VAL B 12 10.53 1.28 -16.74
CA VAL B 12 11.88 1.05 -17.35
C VAL B 12 12.28 -0.38 -17.03
N GLN B 13 13.16 -0.92 -17.83
CA GLN B 13 13.68 -2.28 -17.63
C GLN B 13 14.83 -2.26 -16.65
N PRO B 14 15.08 -3.38 -15.95
CA PRO B 14 16.26 -3.49 -15.11
C PRO B 14 17.52 -3.13 -15.92
N GLY B 15 18.40 -2.36 -15.29
CA GLY B 15 19.69 -2.01 -15.90
C GLY B 15 19.63 -0.66 -16.57
N ARG B 16 18.45 -0.12 -16.83
CA ARG B 16 18.32 1.13 -17.62
C ARG B 16 18.32 2.35 -16.69
N SER B 17 18.24 3.53 -17.31
CA SER B 17 18.36 4.85 -16.70
C SER B 17 17.03 5.58 -16.73
N MET B 18 16.85 6.52 -15.81
CA MET B 18 15.67 7.39 -15.79
C MET B 18 16.01 8.66 -14.98
N LYS B 19 15.61 9.82 -15.47
CA LYS B 19 15.86 11.10 -14.78
C LYS B 19 14.53 11.65 -14.27
N LEU B 20 14.45 11.95 -12.98
CA LEU B 20 13.26 12.61 -12.39
C LEU B 20 13.58 14.08 -12.22
N SER B 21 12.54 14.89 -12.26
CA SER B 21 12.64 16.35 -12.09
C SER B 21 11.62 16.75 -11.07
N CYS B 22 11.97 17.77 -10.33
N CYS B 22 11.88 17.86 -10.41
CA CYS B 22 11.10 18.43 -9.36
CA CYS B 22 10.91 18.49 -9.51
C CYS B 22 11.21 19.93 -9.62
C CYS B 22 11.10 20.01 -9.52
N VAL B 23 10.07 20.61 -9.51
N VAL B 23 10.03 20.72 -9.83
CA VAL B 23 10.04 22.09 -9.62
CA VAL B 23 9.97 22.19 -9.73
C VAL B 23 9.25 22.62 -8.43
C VAL B 23 9.34 22.55 -8.39
N ALA B 24 9.83 23.61 -7.76
CA ALA B 24 9.37 24.05 -6.44
C ALA B 24 9.02 25.51 -6.51
N SER B 25 8.07 25.93 -5.68
N SER B 25 8.07 25.92 -5.69
CA SER B 25 7.75 27.36 -5.46
CA SER B 25 7.73 27.35 -5.46
C SER B 25 7.25 27.55 -4.03
C SER B 25 7.24 27.54 -4.03
N GLY B 26 7.36 28.76 -3.51
CA GLY B 26 6.76 29.14 -2.22
C GLY B 26 7.75 29.33 -1.10
N PHE B 27 9.03 29.06 -1.36
CA PHE B 27 10.14 29.32 -0.44
C PHE B 27 11.30 29.78 -1.31
N ILE B 28 12.27 30.41 -0.68
CA ILE B 28 13.46 30.90 -1.39
C ILE B 28 14.31 29.68 -1.72
N PHE B 29 14.09 29.13 -2.89
CA PHE B 29 14.67 27.84 -3.29
C PHE B 29 16.17 27.80 -2.97
N SER B 30 16.88 28.83 -3.37
CA SER B 30 18.35 28.83 -3.30
C SER B 30 18.85 28.79 -1.85
N ASP B 31 18.00 29.02 -0.87
CA ASP B 31 18.38 29.07 0.56
C ASP B 31 18.16 27.72 1.24
N TYR B 32 17.51 26.73 0.58
CA TYR B 32 17.09 25.51 1.30
C TYR B 32 17.64 24.26 0.63
N TRP B 33 17.92 23.31 1.48
CA TRP B 33 18.29 21.94 1.06
C TRP B 33 17.08 21.23 0.47
N MET B 34 17.32 20.39 -0.52
CA MET B 34 16.29 19.60 -1.19
C MET B 34 16.63 18.12 -1.07
N ASN B 35 15.59 17.29 -1.06
CA ASN B 35 15.75 15.84 -0.89
C ASN B 35 14.81 15.08 -1.81
N TRP B 36 15.24 13.88 -2.15
CA TRP B 36 14.36 12.84 -2.68
C TRP B 36 14.16 11.75 -1.62
N VAL B 37 12.92 11.33 -1.49
CA VAL B 37 12.48 10.25 -0.58
C VAL B 37 11.61 9.33 -1.42
N ARG B 38 11.80 8.04 -1.29
CA ARG B 38 10.91 7.12 -2.00
C ARG B 38 10.12 6.24 -1.02
N GLN B 39 9.01 5.71 -1.54
CA GLN B 39 8.08 4.88 -0.77
C GLN B 39 7.77 3.63 -1.56
N SER B 40 7.93 2.49 -0.92
CA SER B 40 7.46 1.20 -1.49
C SER B 40 6.79 0.41 -0.38
N PRO B 41 5.91 -0.56 -0.70
CA PRO B 41 5.36 -1.43 0.35
C PRO B 41 6.40 -2.16 1.22
N GLU B 42 7.49 -2.67 0.61
CA GLU B 42 8.49 -3.54 1.28
C GLU B 42 9.37 -2.72 2.24
N LYS B 43 9.79 -1.51 1.85
CA LYS B 43 10.83 -0.70 2.57
C LYS B 43 10.20 0.52 3.25
N GLY B 44 8.91 0.78 3.06
CA GLY B 44 8.22 1.99 3.55
C GLY B 44 8.89 3.22 2.97
N LEU B 45 9.08 4.23 3.80
CA LEU B 45 9.75 5.49 3.39
C LEU B 45 11.25 5.32 3.54
N GLU B 46 11.95 5.73 2.49
N GLU B 46 11.96 5.79 2.53
CA GLU B 46 13.42 5.73 2.39
CA GLU B 46 13.45 5.72 2.50
C GLU B 46 13.87 7.12 1.94
C GLU B 46 13.96 7.05 1.93
N TRP B 47 14.64 7.82 2.76
CA TRP B 47 15.38 8.99 2.29
C TRP B 47 16.51 8.48 1.42
N ILE B 48 16.69 9.08 0.24
CA ILE B 48 17.74 8.54 -0.66
C ILE B 48 18.76 9.58 -1.07
N ALA B 49 18.43 10.86 -1.09
CA ALA B 49 19.40 11.85 -1.58
C ALA B 49 19.04 13.25 -1.10
N GLN B 50 20.08 14.02 -0.86
CA GLN B 50 19.99 15.42 -0.44
C GLN B 50 21.04 16.27 -1.17
N ILE B 51 20.64 17.49 -1.49
CA ILE B 51 21.59 18.46 -2.06
C ILE B 51 21.43 19.75 -1.27
N ARG B 52 22.57 20.30 -0.85
CA ARG B 52 22.62 21.54 -0.08
C ARG B 52 22.84 22.70 -1.05
N THR B 53 23.21 23.83 -0.46
CA THR B 53 23.10 25.14 -1.09
C THR B 53 24.50 25.72 -1.27
N ASN B 54 24.54 26.89 -1.86
CA ASN B 54 25.80 27.60 -2.17
C ASN B 54 26.76 27.64 -0.98
N PRO B 55 26.35 28.02 0.25
CA PRO B 55 27.28 28.02 1.38
C PRO B 55 27.88 26.65 1.75
N TYR B 56 27.26 25.56 1.32
CA TYR B 56 27.80 24.20 1.48
C TYR B 56 28.40 23.64 0.18
N ASN B 57 28.72 24.52 -0.76
CA ASN B 57 29.25 24.15 -2.08
C ASN B 57 28.34 23.10 -2.74
N TYR B 58 27.02 23.20 -2.52
CA TYR B 58 26.02 22.32 -3.17
C TYR B 58 26.34 20.85 -2.90
N GLU B 59 26.82 20.53 -1.70
CA GLU B 59 27.22 19.15 -1.36
C GLU B 59 26.00 18.23 -1.46
N THR B 60 26.31 17.00 -1.87
CA THR B 60 25.34 15.95 -2.05
C THR B 60 25.58 14.82 -1.06
N TYR B 61 24.48 14.22 -0.59
CA TYR B 61 24.46 13.14 0.42
C TYR B 61 23.50 12.06 -0.06
N TYR B 62 23.83 10.79 0.17
CA TYR B 62 23.03 9.67 -0.38
C TYR B 62 22.88 8.55 0.65
N SER B 63 21.78 7.80 0.56
CA SER B 63 21.70 6.51 1.27
C SER B 63 22.66 5.53 0.60
N ASP B 64 23.13 4.55 1.35
CA ASP B 64 24.06 3.51 0.83
C ASP B 64 23.40 2.77 -0.36
N SER B 65 22.07 2.57 -0.33
CA SER B 65 21.27 1.85 -1.36
C SER B 65 21.41 2.50 -2.75
N VAL B 66 21.75 3.78 -2.83
CA VAL B 66 21.77 4.49 -4.15
C VAL B 66 23.10 5.22 -4.40
N LYS B 67 24.00 5.37 -3.44
CA LYS B 67 25.28 6.14 -3.66
C LYS B 67 25.99 5.55 -4.88
N GLY B 68 26.41 6.43 -5.79
CA GLY B 68 27.18 6.05 -6.98
C GLY B 68 26.33 5.62 -8.15
N ARG B 69 25.07 5.23 -7.99
CA ARG B 69 24.17 4.91 -9.12
C ARG B 69 23.23 6.09 -9.36
N PHE B 70 22.82 6.79 -8.29
CA PHE B 70 21.89 7.93 -8.40
C PHE B 70 22.68 9.23 -8.18
N THR B 71 22.31 10.27 -8.94
CA THR B 71 22.95 11.59 -8.79
C THR B 71 21.87 12.64 -8.60
N ILE B 72 21.94 13.36 -7.48
CA ILE B 72 21.02 14.48 -7.24
C ILE B 72 21.73 15.76 -7.69
N SER B 73 20.99 16.65 -8.33
CA SER B 73 21.54 17.95 -8.75
C SER B 73 20.45 19.01 -8.60
N ARG B 74 20.83 20.28 -8.69
CA ARG B 74 19.82 21.34 -8.58
C ARG B 74 20.18 22.41 -9.61
N ASP B 75 19.16 23.15 -10.04
CA ASP B 75 19.34 24.35 -10.87
C ASP B 75 18.63 25.49 -10.15
N ASP B 76 19.40 26.29 -9.42
CA ASP B 76 18.82 27.42 -8.66
C ASP B 76 18.21 28.45 -9.59
N SER B 77 18.60 28.51 -10.87
CA SER B 77 17.97 29.48 -11.80
C SER B 77 16.58 29.00 -12.21
N LYS B 78 16.21 27.74 -11.93
CA LYS B 78 14.90 27.17 -12.34
C LYS B 78 14.12 26.61 -11.14
N SER B 79 14.61 26.80 -9.91
CA SER B 79 14.02 26.20 -8.70
C SER B 79 13.70 24.73 -8.98
N SER B 80 14.67 24.00 -9.53
CA SER B 80 14.49 22.61 -9.94
C SER B 80 15.53 21.73 -9.29
N VAL B 81 15.12 20.53 -8.90
N VAL B 81 15.08 20.54 -8.89
CA VAL B 81 16.03 19.46 -8.38
CA VAL B 81 15.92 19.43 -8.38
C VAL B 81 15.77 18.19 -9.18
C VAL B 81 15.79 18.27 -9.36
N TYR B 82 16.84 17.46 -9.46
CA TYR B 82 16.83 16.33 -10.39
C TYR B 82 17.40 15.12 -9.68
N LEU B 83 16.91 13.97 -10.10
CA LEU B 83 17.49 12.69 -9.68
C LEU B 83 17.77 11.85 -10.92
N GLN B 84 19.04 11.72 -11.26
CA GLN B 84 19.46 10.87 -12.38
C GLN B 84 19.68 9.48 -11.78
N MET B 85 18.89 8.51 -12.23
CA MET B 85 18.95 7.11 -11.72
C MET B 85 19.57 6.23 -12.80
N LYS B 86 20.59 5.46 -12.43
CA LYS B 86 21.28 4.55 -13.37
C LYS B 86 21.17 3.14 -12.82
N ASN B 87 21.31 2.17 -13.72
CA ASN B 87 21.34 0.73 -13.39
C ASN B 87 20.17 0.41 -12.46
N LEU B 88 18.95 0.72 -12.87
CA LEU B 88 17.77 0.51 -12.01
C LEU B 88 17.52 -0.98 -11.78
N ARG B 89 17.02 -1.29 -10.60
CA ARG B 89 16.78 -2.68 -10.14
C ARG B 89 15.32 -2.71 -9.65
N SER B 90 14.71 -3.90 -9.58
CA SER B 90 13.31 -4.04 -9.14
C SER B 90 13.15 -3.38 -7.75
N GLU B 91 14.19 -3.41 -6.90
CA GLU B 91 14.21 -2.86 -5.52
C GLU B 91 14.05 -1.31 -5.57
N ASP B 92 14.31 -0.67 -6.72
CA ASP B 92 14.16 0.80 -6.88
C ASP B 92 12.73 1.22 -7.20
N MET B 93 11.83 0.26 -7.41
N MET B 93 11.83 0.27 -7.41
CA MET B 93 10.41 0.55 -7.69
CA MET B 93 10.44 0.59 -7.78
C MET B 93 9.80 1.34 -6.54
C MET B 93 9.74 1.27 -6.60
N GLY B 94 8.97 2.32 -6.85
CA GLY B 94 8.18 2.98 -5.78
C GLY B 94 7.75 4.35 -6.20
N ILE B 95 7.18 5.07 -5.25
CA ILE B 95 6.75 6.49 -5.41
C ILE B 95 7.93 7.36 -4.97
N TYR B 96 8.38 8.27 -5.85
CA TYR B 96 9.52 9.17 -5.56
C TYR B 96 8.95 10.56 -5.33
N TYR B 97 9.26 11.07 -4.15
CA TYR B 97 8.80 12.40 -3.69
C TYR B 97 9.99 13.34 -3.61
N CYS B 98 9.71 14.56 -4.01
N CYS B 98 9.82 14.57 -4.07
CA CYS B 98 10.59 15.72 -3.81
CA CYS B 98 10.80 15.64 -3.78
C CYS B 98 10.19 16.40 -2.50
C CYS B 98 10.25 16.45 -2.60
N THR B 99 11.17 16.87 -1.74
CA THR B 99 10.92 17.53 -0.46
C THR B 99 11.91 18.67 -0.33
N TRP B 100 11.56 19.67 0.46
CA TRP B 100 12.54 20.66 0.93
C TRP B 100 12.73 20.48 2.42
N SER B 101 13.80 21.04 2.96
CA SER B 101 14.09 20.93 4.41
C SER B 101 14.24 22.32 4.98
N HIS B 102 13.42 22.61 5.97
CA HIS B 102 13.60 23.76 6.89
C HIS B 102 13.66 23.16 8.29
N TYR B 103 12.49 22.82 8.83
CA TYR B 103 12.38 22.13 10.13
C TYR B 103 12.74 20.66 9.97
N ALA B 104 12.36 20.05 8.84
CA ALA B 104 12.51 18.60 8.65
C ALA B 104 12.35 18.30 7.17
N LEU B 105 11.37 17.52 6.77
CA LEU B 105 10.93 17.37 5.38
C LEU B 105 9.57 18.06 5.33
N ASP B 106 9.62 19.43 5.13
CA ASP B 106 8.48 20.25 5.56
C ASP B 106 7.30 20.12 4.61
N ASN B 107 7.54 19.96 3.31
CA ASN B 107 6.48 19.70 2.33
C ASN B 107 6.99 18.75 1.29
N TRP B 108 6.08 17.94 0.79
CA TRP B 108 6.36 16.83 -0.16
C TRP B 108 5.48 17.06 -1.39
N GLY B 109 5.98 16.74 -2.57
CA GLY B 109 5.17 16.72 -3.80
C GLY B 109 4.20 15.55 -3.76
N GLN B 110 3.33 15.48 -4.76
CA GLN B 110 2.36 14.37 -5.01
C GLN B 110 3.11 13.08 -5.32
N GLY B 111 4.35 13.17 -5.80
CA GLY B 111 5.12 11.98 -6.13
C GLY B 111 5.03 11.59 -7.60
N THR B 112 6.08 10.95 -8.09
CA THR B 112 6.15 10.32 -9.42
C THR B 112 6.47 8.83 -9.25
N SER B 113 5.69 7.98 -9.93
N SER B 113 5.72 8.01 -9.98
CA SER B 113 5.79 6.50 -9.83
CA SER B 113 5.79 6.54 -9.87
C SER B 113 6.87 5.99 -10.77
C SER B 113 6.90 6.02 -10.77
N VAL B 114 7.76 5.16 -10.22
CA VAL B 114 8.83 4.47 -10.97
C VAL B 114 8.55 2.98 -10.88
N THR B 115 8.49 2.33 -12.03
N THR B 115 8.34 2.33 -12.03
CA THR B 115 8.22 0.88 -12.09
CA THR B 115 8.12 0.85 -12.16
C THR B 115 9.36 0.23 -12.89
C THR B 115 9.34 0.25 -12.87
N VAL B 116 9.91 -0.82 -12.33
CA VAL B 116 11.13 -1.44 -12.91
C VAL B 116 10.79 -2.89 -13.10
N SER B 117 10.77 -3.33 -14.35
CA SER B 117 10.37 -4.72 -14.69
C SER B 117 10.83 -5.08 -16.08
N SER B 118 11.19 -6.35 -16.29
CA SER B 118 11.53 -6.86 -17.65
C SER B 118 10.28 -7.37 -18.36
N ALA B 119 9.12 -7.35 -17.71
CA ALA B 119 7.87 -7.89 -18.29
C ALA B 119 7.43 -7.04 -19.49
N SER B 120 6.96 -7.71 -20.54
CA SER B 120 6.26 -7.12 -21.68
C SER B 120 4.85 -6.75 -21.25
N THR B 121 4.35 -5.64 -21.78
CA THR B 121 2.93 -5.27 -21.68
C THR B 121 2.06 -6.45 -22.15
N LYS B 122 1.08 -6.77 -21.33
CA LYS B 122 0.16 -7.90 -21.62
C LYS B 122 -1.19 -7.52 -21.08
N GLY B 123 -2.23 -7.69 -21.89
CA GLY B 123 -3.62 -7.45 -21.47
C GLY B 123 -4.11 -8.60 -20.64
N PRO B 124 -5.07 -8.35 -19.73
CA PRO B 124 -5.60 -9.36 -18.83
C PRO B 124 -6.43 -10.40 -19.57
N SER B 125 -6.43 -11.61 -19.01
CA SER B 125 -7.43 -12.66 -19.23
C SER B 125 -8.50 -12.43 -18.17
N VAL B 126 -9.75 -12.33 -18.57
CA VAL B 126 -10.85 -11.97 -17.66
C VAL B 126 -11.78 -13.18 -17.59
N PHE B 127 -11.97 -13.68 -16.37
CA PHE B 127 -12.77 -14.89 -16.09
C PHE B 127 -13.92 -14.50 -15.17
N PRO B 128 -15.13 -15.05 -15.37
CA PRO B 128 -16.23 -14.78 -14.45
C PRO B 128 -15.99 -15.46 -13.10
N LEU B 129 -16.47 -14.81 -12.05
CA LEU B 129 -16.64 -15.39 -10.69
C LEU B 129 -18.15 -15.53 -10.48
N ALA B 130 -18.67 -16.73 -10.69
CA ALA B 130 -20.13 -16.98 -10.69
C ALA B 130 -20.48 -17.82 -9.47
N PRO B 131 -21.58 -17.51 -8.74
CA PRO B 131 -22.15 -18.43 -7.75
C PRO B 131 -22.03 -19.91 -8.13
N THR B 136 -25.75 -17.97 -1.00
CA THR B 136 -25.93 -16.66 -0.30
C THR B 136 -25.29 -16.73 1.09
N SER B 137 -24.83 -15.60 1.56
CA SER B 137 -24.15 -15.45 2.88
C SER B 137 -24.65 -14.15 3.52
N GLY B 138 -25.37 -14.21 4.65
CA GLY B 138 -26.03 -13.06 5.28
C GLY B 138 -26.91 -12.33 4.27
N GLY B 139 -27.70 -13.07 3.47
CA GLY B 139 -28.64 -12.48 2.50
C GLY B 139 -27.97 -12.10 1.20
N THR B 140 -26.66 -11.89 1.21
CA THR B 140 -25.91 -11.36 0.05
C THR B 140 -25.61 -12.46 -0.96
N ALA B 141 -25.67 -12.11 -2.24
CA ALA B 141 -25.12 -12.87 -3.38
C ALA B 141 -23.90 -12.09 -3.89
N ALA B 142 -22.85 -12.79 -4.29
CA ALA B 142 -21.63 -12.14 -4.80
C ALA B 142 -21.31 -12.70 -6.17
N LEU B 143 -20.85 -11.85 -7.06
CA LEU B 143 -20.34 -12.30 -8.36
C LEU B 143 -19.17 -11.38 -8.67
N GLY B 144 -18.37 -11.74 -9.65
CA GLY B 144 -17.21 -10.89 -9.92
C GLY B 144 -16.55 -11.29 -11.20
N CYS B 145 -15.37 -10.72 -11.38
N CYS B 145 -15.42 -10.65 -11.51
CA CYS B 145 -14.46 -10.96 -12.50
CA CYS B 145 -14.52 -11.03 -12.63
C CYS B 145 -13.05 -11.11 -11.95
C CYS B 145 -13.09 -11.08 -12.11
N LEU B 146 -12.41 -12.21 -12.33
CA LEU B 146 -10.98 -12.40 -12.09
C LEU B 146 -10.24 -11.79 -13.28
N VAL B 147 -9.34 -10.87 -13.00
CA VAL B 147 -8.57 -10.12 -14.03
C VAL B 147 -7.13 -10.58 -13.87
N LYS B 148 -6.70 -11.49 -14.71
CA LYS B 148 -5.50 -12.28 -14.45
C LYS B 148 -4.40 -11.97 -15.48
N ASP B 149 -3.16 -11.90 -15.02
CA ASP B 149 -1.96 -12.00 -15.89
C ASP B 149 -1.87 -10.78 -16.82
N TYR B 150 -1.80 -9.59 -16.25
CA TYR B 150 -1.64 -8.34 -17.02
C TYR B 150 -0.41 -7.60 -16.52
N PHE B 151 0.11 -6.74 -17.37
CA PHE B 151 1.25 -5.87 -17.02
C PHE B 151 1.25 -4.69 -17.99
N PRO B 152 1.54 -3.46 -17.53
CA PRO B 152 1.71 -3.10 -16.13
C PRO B 152 0.38 -2.72 -15.49
N GLU B 153 0.43 -2.27 -14.24
CA GLU B 153 -0.74 -1.60 -13.61
C GLU B 153 -0.94 -0.27 -14.33
N PRO B 154 -2.16 0.33 -14.29
CA PRO B 154 -3.35 -0.28 -13.69
C PRO B 154 -4.38 -0.87 -14.65
N VAL B 155 -5.36 -1.57 -14.09
CA VAL B 155 -6.63 -1.88 -14.80
C VAL B 155 -7.72 -1.06 -14.14
N THR B 156 -8.76 -0.80 -14.89
CA THR B 156 -10.01 -0.26 -14.29
C THR B 156 -11.12 -1.24 -14.59
N VAL B 157 -11.90 -1.58 -13.58
CA VAL B 157 -13.09 -2.45 -13.73
C VAL B 157 -14.32 -1.61 -13.42
N SER B 158 -15.32 -1.71 -14.27
CA SER B 158 -16.66 -1.11 -14.07
C SER B 158 -17.68 -2.21 -14.33
N TRP B 159 -18.89 -2.05 -13.80
CA TRP B 159 -20.00 -3.04 -13.90
C TRP B 159 -21.23 -2.33 -14.49
N ASN B 160 -21.99 -3.01 -15.35
CA ASN B 160 -23.26 -2.47 -15.92
C ASN B 160 -24.42 -3.30 -15.38
N SER B 166 -22.58 0.75 -5.24
CA SER B 166 -23.45 -0.31 -4.64
C SER B 166 -22.69 -1.65 -4.50
N GLY B 167 -21.83 -1.77 -3.48
CA GLY B 167 -21.19 -3.04 -3.05
C GLY B 167 -20.08 -3.55 -3.97
N VAL B 168 -19.46 -2.69 -4.77
CA VAL B 168 -18.29 -3.11 -5.60
C VAL B 168 -17.04 -3.04 -4.74
N HIS B 169 -16.25 -4.10 -4.71
CA HIS B 169 -14.87 -4.08 -4.16
C HIS B 169 -13.93 -4.52 -5.29
N THR B 170 -12.95 -3.71 -5.62
CA THR B 170 -11.85 -4.07 -6.55
C THR B 170 -10.58 -4.17 -5.70
N PHE B 171 -10.06 -5.39 -5.58
CA PHE B 171 -8.94 -5.71 -4.69
C PHE B 171 -7.66 -5.13 -5.25
N PRO B 172 -6.70 -4.81 -4.36
CA PRO B 172 -5.37 -4.43 -4.82
C PRO B 172 -4.75 -5.56 -5.65
N ALA B 173 -4.06 -5.20 -6.73
CA ALA B 173 -3.35 -6.18 -7.54
C ALA B 173 -2.23 -6.82 -6.72
N VAL B 174 -1.97 -8.07 -7.02
CA VAL B 174 -0.79 -8.82 -6.54
C VAL B 174 0.11 -9.14 -7.73
N LEU B 175 1.39 -8.87 -7.55
CA LEU B 175 2.46 -9.21 -8.49
C LEU B 175 2.82 -10.67 -8.30
N GLN B 176 2.71 -11.45 -9.35
CA GLN B 176 2.91 -12.92 -9.33
C GLN B 176 4.38 -13.19 -9.66
N SER B 177 4.79 -14.44 -9.48
CA SER B 177 6.16 -14.98 -9.72
C SER B 177 6.55 -14.69 -11.17
N SER B 178 5.57 -14.77 -12.06
CA SER B 178 5.67 -14.54 -13.52
C SER B 178 6.02 -13.09 -13.85
N GLY B 179 5.88 -12.13 -12.93
CA GLY B 179 6.03 -10.69 -13.23
C GLY B 179 4.73 -10.04 -13.73
N LEU B 180 3.65 -10.81 -13.80
CA LEU B 180 2.32 -10.31 -14.17
C LEU B 180 1.45 -10.12 -12.92
N TYR B 181 0.52 -9.18 -13.00
CA TYR B 181 -0.40 -8.81 -11.91
C TYR B 181 -1.71 -9.59 -12.09
N SER B 182 -2.49 -9.66 -11.01
CA SER B 182 -3.81 -10.30 -10.98
C SER B 182 -4.61 -9.58 -9.91
N LEU B 183 -5.91 -9.41 -10.15
CA LEU B 183 -6.85 -8.98 -9.09
C LEU B 183 -8.23 -9.51 -9.41
N SER B 184 -9.10 -9.46 -8.42
CA SER B 184 -10.54 -9.73 -8.60
C SER B 184 -11.30 -8.44 -8.30
N SER B 185 -12.40 -8.26 -9.00
CA SER B 185 -13.41 -7.21 -8.75
C SER B 185 -14.72 -7.93 -8.49
N VAL B 186 -15.39 -7.59 -7.40
CA VAL B 186 -16.60 -8.33 -6.97
C VAL B 186 -17.76 -7.34 -6.80
N VAL B 187 -18.95 -7.84 -7.08
CA VAL B 187 -20.22 -7.13 -6.82
C VAL B 187 -20.99 -7.93 -5.76
N THR B 188 -21.33 -7.27 -4.67
CA THR B 188 -22.18 -7.84 -3.59
C THR B 188 -23.55 -7.21 -3.75
N VAL B 189 -24.58 -8.04 -3.89
CA VAL B 189 -25.99 -7.58 -3.99
C VAL B 189 -26.84 -8.40 -3.03
N PRO B 190 -27.87 -7.80 -2.41
CA PRO B 190 -28.86 -8.62 -1.73
C PRO B 190 -29.36 -9.67 -2.74
N SER B 191 -29.40 -10.93 -2.30
CA SER B 191 -29.79 -12.11 -3.12
C SER B 191 -31.12 -11.87 -3.83
N SER B 192 -32.09 -11.25 -3.15
CA SER B 192 -33.44 -11.00 -3.71
C SER B 192 -33.37 -9.95 -4.84
N SER B 193 -32.32 -9.12 -4.86
CA SER B 193 -32.14 -8.02 -5.86
C SER B 193 -31.17 -8.48 -6.97
N LEU B 194 -30.81 -9.77 -7.03
CA LEU B 194 -29.85 -10.33 -8.03
C LEU B 194 -30.45 -10.28 -9.45
N THR B 198 -28.26 -10.61 -15.72
CA THR B 198 -27.29 -10.11 -16.73
C THR B 198 -26.32 -9.13 -16.07
N TYR B 199 -25.20 -9.63 -15.54
CA TYR B 199 -24.11 -8.77 -15.00
C TYR B 199 -22.91 -8.85 -15.95
N ILE B 200 -22.37 -7.68 -16.27
CA ILE B 200 -21.24 -7.55 -17.22
C ILE B 200 -20.14 -6.71 -16.56
N CYS B 201 -18.93 -7.27 -16.41
N CYS B 201 -18.91 -7.23 -16.62
CA CYS B 201 -17.75 -6.49 -15.97
CA CYS B 201 -17.69 -6.62 -16.03
C CYS B 201 -17.02 -5.99 -17.22
C CYS B 201 -16.82 -6.03 -17.14
N ASN B 202 -16.69 -4.70 -17.18
CA ASN B 202 -15.95 -3.98 -18.25
C ASN B 202 -14.54 -3.75 -17.72
N VAL B 203 -13.57 -4.43 -18.32
CA VAL B 203 -12.15 -4.33 -17.88
C VAL B 203 -11.38 -3.54 -18.92
N ASN B 204 -10.83 -2.41 -18.50
CA ASN B 204 -10.00 -1.50 -19.32
C ASN B 204 -8.54 -1.68 -18.89
N HIS B 205 -7.68 -2.03 -19.83
CA HIS B 205 -6.22 -2.01 -19.61
C HIS B 205 -5.59 -1.13 -20.69
N LYS B 206 -5.44 0.16 -20.38
CA LYS B 206 -4.96 1.18 -21.35
C LYS B 206 -3.63 0.73 -21.98
N PRO B 207 -2.60 0.30 -21.20
CA PRO B 207 -1.29 -0.03 -21.77
C PRO B 207 -1.30 -1.06 -22.92
N SER B 208 -2.18 -2.05 -22.86
CA SER B 208 -2.29 -3.12 -23.88
C SER B 208 -3.35 -2.78 -24.95
N ASN B 209 -4.04 -1.64 -24.83
CA ASN B 209 -5.19 -1.27 -25.71
C ASN B 209 -6.21 -2.41 -25.69
N THR B 210 -6.49 -2.93 -24.49
CA THR B 210 -7.50 -4.01 -24.34
C THR B 210 -8.66 -3.51 -23.47
N LYS B 211 -9.85 -3.87 -23.92
CA LYS B 211 -11.15 -3.64 -23.24
C LYS B 211 -11.94 -4.91 -23.43
N VAL B 212 -12.32 -5.54 -22.33
CA VAL B 212 -13.11 -6.80 -22.33
C VAL B 212 -14.40 -6.46 -21.59
N ASP B 213 -15.55 -6.79 -22.16
CA ASP B 213 -16.84 -6.84 -21.41
C ASP B 213 -17.12 -8.33 -21.20
N LYS B 214 -17.25 -8.80 -19.96
CA LYS B 214 -17.39 -10.25 -19.67
C LYS B 214 -18.75 -10.46 -18.99
N LYS B 215 -19.58 -11.35 -19.55
CA LYS B 215 -20.92 -11.73 -19.01
C LYS B 215 -20.71 -12.60 -17.77
N VAL B 216 -21.33 -12.26 -16.66
CA VAL B 216 -21.29 -13.09 -15.42
C VAL B 216 -22.71 -13.58 -15.10
N GLU B 217 -22.94 -14.90 -15.20
CA GLU B 217 -24.24 -15.59 -14.99
C GLU B 217 -24.36 -16.05 -13.52
#